data_4JQD
#
_entry.id   4JQD
#
_cell.length_a   82.120
_cell.length_b   128.070
_cell.length_c   78.540
_cell.angle_alpha   90.00
_cell.angle_beta   99.99
_cell.angle_gamma   90.00
#
_symmetry.space_group_name_H-M   'C 1 2 1'
#
loop_
_entity.id
_entity.type
_entity.pdbx_description
1 polymer 'Csp231I C protein'
2 polymer "DNA (5'-D(*AP*CP*AP*CP*TP*AP*AP*GP*GP*AP*AP*AP*AP*CP*TP*TP*AP*GP*TP*AP*A)-3')"
3 polymer "DNA (5'-D(*TP*TP*AP*CP*TP*AP*AP*GP*TP*TP*TP*TP*CP*CP*TP*TP*AP*GP*TP*GP*T)-3')"
4 water water
#
loop_
_entity_poly.entity_id
_entity_poly.type
_entity_poly.pdbx_seq_one_letter_code
_entity_poly.pdbx_strand_id
1 'polypeptide(L)'
;MLIRRLKDARLRAGISQEKLGVLAGIDEASASARMNQYEKGKHAPDFEMANRLAKVLKIPVSYLYTPEDDLAQIILTWNE
LNEQERKRINFYIRKKAK
;
A,B,E,F
2 'polydeoxyribonucleotide'
;(DA)(DC)(DA)(DC)(DT)(DA)(DA)(DG)(DG)(DA)(DA)(DA)(DA)(DC)(DT)(DT)(DA)(DG)(DT)(DA)
(DA)
;
C,G
3 'polydeoxyribonucleotide'
;(DT)(DT)(DA)(DC)(DT)(DA)(DA)(DG)(DT)(DT)(DT)(DT)(DC)(DC)(DT)(DT)(DA)(DG)(DT)(DG)
(DT)
;
D,H
#
# COMPACT_ATOMS: atom_id res chain seq x y z
N MET A 1 -3.71 11.54 -4.87
CA MET A 1 -4.86 10.61 -4.74
C MET A 1 -4.43 9.16 -5.09
N LEU A 2 -4.91 8.19 -4.32
CA LEU A 2 -4.54 6.80 -4.53
C LEU A 2 -5.41 6.12 -5.59
N ILE A 3 -4.85 5.91 -6.79
CA ILE A 3 -5.61 5.32 -7.91
C ILE A 3 -6.34 4.03 -7.57
N ARG A 4 -5.74 3.19 -6.74
CA ARG A 4 -6.38 1.94 -6.45
C ARG A 4 -7.66 2.09 -5.59
N ARG A 5 -7.68 3.08 -4.70
CA ARG A 5 -8.85 3.32 -3.88
C ARG A 5 -9.97 3.81 -4.77
N LEU A 6 -9.60 4.55 -5.81
CA LEU A 6 -10.58 5.06 -6.75
C LEU A 6 -11.16 3.94 -7.56
N LYS A 7 -10.34 2.95 -7.90
CA LYS A 7 -10.82 1.84 -8.67
C LYS A 7 -11.76 0.93 -7.85
N ASP A 8 -11.39 0.66 -6.60
CA ASP A 8 -12.18 -0.24 -5.73
C ASP A 8 -13.51 0.36 -5.35
N ALA A 9 -13.53 1.66 -5.15
CA ALA A 9 -14.75 2.32 -4.78
C ALA A 9 -15.70 2.41 -5.95
N ARG A 10 -15.15 2.60 -7.15
CA ARG A 10 -15.97 2.68 -8.33
C ARG A 10 -16.55 1.28 -8.69
N LEU A 11 -15.74 0.24 -8.52
CA LEU A 11 -16.20 -1.10 -8.86
C LEU A 11 -17.28 -1.57 -7.94
N ARG A 12 -17.12 -1.33 -6.64
CA ARG A 12 -18.16 -1.64 -5.66
C ARG A 12 -19.49 -0.94 -6.04
N ALA A 13 -19.38 0.29 -6.55
CA ALA A 13 -20.53 1.12 -6.95
C ALA A 13 -21.20 0.61 -8.24
N GLY A 14 -20.41 0.02 -9.12
CA GLY A 14 -20.95 -0.65 -10.31
C GLY A 14 -21.16 0.25 -11.50
N ILE A 15 -20.33 1.29 -11.61
CA ILE A 15 -20.44 2.24 -12.70
C ILE A 15 -19.12 2.44 -13.44
N SER A 16 -19.22 2.79 -14.72
CA SER A 16 -18.04 3.05 -15.56
C SER A 16 -17.30 4.32 -15.13
N GLN A 17 -16.05 4.44 -15.60
CA GLN A 17 -15.30 5.64 -15.43
C GLN A 17 -16.08 6.86 -15.96
N GLU A 18 -16.64 6.73 -17.18
CA GLU A 18 -17.41 7.82 -17.79
C GLU A 18 -18.64 8.20 -16.96
N LYS A 19 -19.35 7.20 -16.48
CA LYS A 19 -20.52 7.46 -15.73
C LYS A 19 -20.15 8.24 -14.46
N LEU A 20 -19.16 7.76 -13.74
CA LEU A 20 -18.73 8.39 -12.53
C LEU A 20 -18.53 9.88 -12.72
N GLY A 21 -17.79 10.25 -13.77
CA GLY A 21 -17.50 11.68 -14.05
C GLY A 21 -18.75 12.53 -14.29
N VAL A 22 -19.63 12.04 -15.13
CA VAL A 22 -20.83 12.78 -15.44
C VAL A 22 -21.60 13.08 -14.16
N LEU A 23 -21.79 12.05 -13.33
CA LEU A 23 -22.53 12.20 -12.07
C LEU A 23 -21.79 13.08 -11.15
N ALA A 24 -20.47 13.08 -11.27
CA ALA A 24 -19.64 13.90 -10.44
C ALA A 24 -19.57 15.34 -10.97
N GLY A 25 -20.27 15.61 -12.05
CA GLY A 25 -20.39 16.97 -12.55
C GLY A 25 -19.44 17.36 -13.68
N ILE A 26 -18.60 16.42 -14.13
CA ILE A 26 -17.67 16.72 -15.25
C ILE A 26 -18.43 16.74 -16.58
N ASP A 27 -18.05 17.66 -17.45
CA ASP A 27 -18.70 17.83 -18.74
C ASP A 27 -18.72 16.52 -19.60
N GLU A 28 -19.87 16.22 -20.20
CA GLU A 28 -19.99 14.99 -21.02
C GLU A 28 -18.79 14.79 -21.96
N ALA A 29 -18.39 15.85 -22.63
CA ALA A 29 -17.31 15.76 -23.60
C ALA A 29 -16.01 15.17 -23.01
N SER A 30 -15.48 15.78 -21.96
CA SER A 30 -14.22 15.31 -21.40
C SER A 30 -14.34 14.25 -20.27
N ALA A 31 -15.56 13.87 -19.92
CA ALA A 31 -15.75 12.97 -18.74
C ALA A 31 -14.98 11.69 -18.81
N SER A 32 -15.10 10.99 -19.93
CA SER A 32 -14.44 9.69 -20.09
C SER A 32 -12.93 9.78 -19.99
N ALA A 33 -12.37 10.76 -20.71
CA ALA A 33 -10.90 10.95 -20.73
C ALA A 33 -10.37 11.31 -19.32
N ARG A 34 -11.04 12.23 -18.66
CA ARG A 34 -10.59 12.67 -17.39
C ARG A 34 -10.61 11.57 -16.37
N MET A 35 -11.74 10.87 -16.26
CA MET A 35 -11.88 9.84 -15.25
C MET A 35 -10.89 8.71 -15.44
N ASN A 36 -10.55 8.41 -16.70
CA ASN A 36 -9.53 7.43 -16.96
C ASN A 36 -8.13 7.94 -16.55
N GLN A 37 -7.84 9.20 -16.83
CA GLN A 37 -6.58 9.79 -16.44
C GLN A 37 -6.35 9.69 -14.95
N TYR A 38 -7.38 9.99 -14.15
CA TYR A 38 -7.26 9.89 -12.68
C TYR A 38 -7.08 8.47 -12.27
N GLU A 39 -7.81 7.55 -12.91
CA GLU A 39 -7.75 6.15 -12.48
C GLU A 39 -6.47 5.44 -12.90
N LYS A 40 -5.83 5.96 -13.96
CA LYS A 40 -4.53 5.39 -14.45
C LYS A 40 -3.32 6.15 -13.86
N GLY A 41 -3.59 7.15 -13.02
CA GLY A 41 -2.54 7.89 -12.38
C GLY A 41 -1.78 8.80 -13.33
N LYS A 42 -2.38 9.08 -14.48
CA LYS A 42 -1.75 10.02 -15.43
C LYS A 42 -1.88 11.46 -14.89
N HIS A 43 -3.05 11.78 -14.29
CA HIS A 43 -3.27 13.10 -13.63
C HIS A 43 -4.05 12.97 -12.32
N ALA A 44 -3.88 13.96 -11.45
CA ALA A 44 -4.57 13.99 -10.18
C ALA A 44 -5.76 14.93 -10.25
N PRO A 45 -6.90 14.51 -9.74
CA PRO A 45 -7.99 15.48 -9.66
C PRO A 45 -7.69 16.41 -8.56
N ASP A 46 -8.32 17.59 -8.57
CA ASP A 46 -8.15 18.51 -7.47
C ASP A 46 -9.11 18.14 -6.37
N PHE A 47 -8.89 18.69 -5.19
CA PHE A 47 -9.66 18.28 -4.05
C PHE A 47 -11.20 18.46 -4.25
N GLU A 48 -11.64 19.59 -4.84
CA GLU A 48 -13.07 19.80 -5.06
C GLU A 48 -13.65 18.62 -5.82
N MET A 49 -13.03 18.28 -6.92
CA MET A 49 -13.52 17.17 -7.71
C MET A 49 -13.54 15.89 -6.87
N ALA A 50 -12.48 15.68 -6.11
CA ALA A 50 -12.37 14.49 -5.28
C ALA A 50 -13.60 14.35 -4.39
N ASN A 51 -14.01 15.45 -3.77
CA ASN A 51 -15.21 15.43 -2.96
C ASN A 51 -16.43 15.02 -3.75
N ARG A 52 -16.60 15.63 -4.91
CA ARG A 52 -17.68 15.33 -5.79
C ARG A 52 -17.71 13.86 -6.17
N LEU A 53 -16.54 13.26 -6.36
CA LEU A 53 -16.47 11.83 -6.72
C LEU A 53 -16.86 10.97 -5.51
N ALA A 54 -16.36 11.36 -4.36
CA ALA A 54 -16.63 10.65 -3.16
C ALA A 54 -18.10 10.63 -2.89
N LYS A 55 -18.77 11.74 -3.18
CA LYS A 55 -20.19 11.85 -2.92
C LYS A 55 -20.98 10.87 -3.77
N VAL A 56 -20.57 10.72 -5.03
CA VAL A 56 -21.23 9.78 -5.95
C VAL A 56 -20.96 8.39 -5.51
N LEU A 57 -19.74 8.15 -5.04
CA LEU A 57 -19.31 6.80 -4.67
C LEU A 57 -19.78 6.38 -3.28
N LYS A 58 -20.43 7.31 -2.56
CA LYS A 58 -20.91 7.04 -1.19
C LYS A 58 -19.80 6.57 -0.24
N ILE A 59 -18.66 7.27 -0.28
CA ILE A 59 -17.54 7.05 0.64
C ILE A 59 -17.04 8.41 1.17
N PRO A 60 -16.36 8.41 2.32
CA PRO A 60 -15.71 9.63 2.78
C PRO A 60 -14.53 9.90 1.88
N VAL A 61 -14.37 11.16 1.50
CA VAL A 61 -13.36 11.57 0.54
C VAL A 61 -11.96 11.11 0.93
N SER A 62 -11.65 11.13 2.24
CA SER A 62 -10.28 10.78 2.70
C SER A 62 -9.89 9.34 2.48
N TYR A 63 -10.86 8.45 2.28
CA TYR A 63 -10.57 7.07 1.92
C TYR A 63 -9.66 7.09 0.67
N LEU A 64 -9.95 8.01 -0.25
CA LEU A 64 -9.16 8.11 -1.49
C LEU A 64 -7.69 8.47 -1.25
N TYR A 65 -7.38 9.02 -0.06
CA TYR A 65 -6.02 9.46 0.25
C TYR A 65 -5.48 8.69 1.43
N THR A 66 -6.06 7.52 1.69
CA THR A 66 -5.59 6.68 2.78
C THR A 66 -4.80 5.44 2.27
N PRO A 67 -3.48 5.47 2.44
CA PRO A 67 -2.57 4.40 2.05
C PRO A 67 -2.66 3.19 2.98
N GLU A 68 -2.89 3.45 4.27
CA GLU A 68 -2.96 2.38 5.26
C GLU A 68 -4.19 1.51 5.06
N ASP A 69 -3.99 0.28 4.60
CA ASP A 69 -5.09 -0.62 4.33
C ASP A 69 -6.01 -0.81 5.50
N ASP A 70 -5.45 -0.99 6.70
CA ASP A 70 -6.30 -1.15 7.88
C ASP A 70 -7.13 0.11 8.20
N LEU A 71 -6.50 1.28 8.08
CA LEU A 71 -7.19 2.54 8.32
C LEU A 71 -8.26 2.80 7.27
N ALA A 72 -7.96 2.50 6.01
CA ALA A 72 -8.93 2.72 4.92
C ALA A 72 -10.22 1.94 5.20
N GLN A 73 -10.07 0.72 5.69
CA GLN A 73 -11.21 -0.09 6.01
C GLN A 73 -12.05 0.56 7.13
N ILE A 74 -11.38 0.94 8.23
CA ILE A 74 -12.04 1.68 9.33
C ILE A 74 -12.89 2.86 8.80
N ILE A 75 -12.31 3.66 7.90
CA ILE A 75 -13.02 4.80 7.34
C ILE A 75 -14.24 4.36 6.59
N LEU A 76 -14.06 3.36 5.74
CA LEU A 76 -15.15 2.82 4.94
C LEU A 76 -16.33 2.32 5.84
N THR A 77 -15.98 1.76 6.99
CA THR A 77 -16.93 1.20 7.92
C THR A 77 -17.52 2.25 8.87
N TRP A 78 -16.70 3.23 9.27
CA TRP A 78 -17.19 4.33 10.11
C TRP A 78 -18.31 5.03 9.36
N ASN A 79 -18.14 5.10 8.05
CA ASN A 79 -19.09 5.70 7.16
C ASN A 79 -20.49 5.09 7.23
N GLU A 80 -20.59 3.82 7.61
CA GLU A 80 -21.86 3.12 7.57
C GLU A 80 -22.45 2.85 8.90
N LEU A 81 -21.74 3.20 9.96
CA LEU A 81 -22.23 2.99 11.31
C LEU A 81 -23.47 3.84 11.57
N ASN A 82 -24.38 3.34 12.38
CA ASN A 82 -25.56 4.08 12.69
C ASN A 82 -25.34 5.06 13.86
N GLU A 83 -26.41 5.73 14.29
CA GLU A 83 -26.31 6.73 15.34
C GLU A 83 -25.61 6.22 16.62
N GLN A 84 -26.05 5.05 17.12
CA GLN A 84 -25.46 4.47 18.34
C GLN A 84 -24.01 3.97 18.13
N GLU A 85 -23.78 3.27 17.03
CA GLU A 85 -22.48 2.73 16.75
C GLU A 85 -21.39 3.81 16.82
N ARG A 86 -21.63 4.95 16.17
CA ARG A 86 -20.69 6.08 16.20
C ARG A 86 -20.56 6.71 17.60
N LYS A 87 -21.69 6.98 18.25
CA LYS A 87 -21.66 7.55 19.60
C LYS A 87 -20.79 6.67 20.51
N ARG A 88 -20.71 5.37 20.20
CA ARG A 88 -19.86 4.46 21.00
C ARG A 88 -18.39 4.78 20.77
N ILE A 89 -18.00 4.81 19.50
CA ILE A 89 -16.62 5.08 19.13
C ILE A 89 -16.14 6.51 19.56
N ASN A 90 -17.07 7.47 19.60
CA ASN A 90 -16.74 8.85 20.04
C ASN A 90 -16.27 8.91 21.52
N PHE A 91 -17.14 8.44 22.44
CA PHE A 91 -16.76 8.32 23.86
C PHE A 91 -15.43 7.58 23.97
N TYR A 92 -15.27 6.55 23.12
CA TYR A 92 -14.00 5.74 23.03
C TYR A 92 -12.77 6.66 22.78
N ILE A 93 -12.86 7.51 21.77
CA ILE A 93 -11.78 8.43 21.43
C ILE A 93 -11.53 9.48 22.54
N ARG A 94 -12.60 10.08 23.06
CA ARG A 94 -12.49 11.08 24.16
C ARG A 94 -12.55 10.42 25.54
N MET B 1 -6.47 19.65 -0.33
CA MET B 1 -5.98 19.45 1.05
C MET B 1 -6.51 20.57 1.96
N LEU B 2 -6.98 20.20 3.14
CA LEU B 2 -7.63 21.15 4.04
C LEU B 2 -6.61 22.00 4.81
N ILE B 3 -6.49 23.27 4.41
CA ILE B 3 -5.53 24.15 5.05
C ILE B 3 -5.67 24.22 6.58
N ARG B 4 -6.88 24.14 7.09
CA ARG B 4 -7.05 24.20 8.51
C ARG B 4 -6.44 22.98 9.19
N ARG B 5 -6.41 21.86 8.49
CA ARG B 5 -5.86 20.64 9.02
C ARG B 5 -4.38 20.71 9.02
N LEU B 6 -3.83 21.38 8.01
CA LEU B 6 -2.40 21.55 7.92
C LEU B 6 -1.94 22.46 9.01
N LYS B 7 -2.69 23.53 9.22
CA LYS B 7 -2.31 24.49 10.19
C LYS B 7 -2.31 23.89 11.59
N ASP B 8 -3.39 23.18 11.93
CA ASP B 8 -3.53 22.63 13.28
C ASP B 8 -2.43 21.63 13.58
N ALA B 9 -2.14 20.76 12.61
CA ALA B 9 -1.07 19.76 12.75
C ALA B 9 0.31 20.42 13.00
N ARG B 10 0.63 21.44 12.19
CA ARG B 10 1.89 22.16 12.29
C ARG B 10 2.01 22.82 13.65
N LEU B 11 0.94 23.44 14.11
CA LEU B 11 0.98 24.14 15.39
C LEU B 11 1.23 23.18 16.53
N ARG B 12 0.67 21.97 16.42
CA ARG B 12 0.85 20.96 17.45
C ARG B 12 2.27 20.37 17.42
N ALA B 13 2.89 20.38 16.23
CA ALA B 13 4.28 19.96 16.10
C ALA B 13 5.18 21.00 16.73
N GLY B 14 4.67 22.23 16.87
CA GLY B 14 5.43 23.34 17.44
C GLY B 14 6.57 23.80 16.55
N ILE B 15 6.34 23.82 15.24
CA ILE B 15 7.37 24.25 14.29
C ILE B 15 6.86 25.30 13.29
N SER B 16 7.81 25.99 12.66
CA SER B 16 7.52 27.05 11.72
C SER B 16 7.13 26.50 10.39
N GLN B 17 6.37 27.30 9.63
CA GLN B 17 6.04 26.95 8.27
C GLN B 17 7.32 26.60 7.55
N GLU B 18 8.34 27.42 7.72
CA GLU B 18 9.59 27.19 7.06
C GLU B 18 10.20 25.84 7.44
N LYS B 19 10.53 25.67 8.73
CA LYS B 19 11.20 24.46 9.13
C LYS B 19 10.45 23.23 8.59
N LEU B 20 9.12 23.28 8.63
CA LEU B 20 8.29 22.21 8.13
C LEU B 20 8.66 21.85 6.69
N GLY B 21 8.69 22.86 5.80
CA GLY B 21 9.08 22.64 4.41
C GLY B 21 10.48 22.06 4.29
N VAL B 22 11.42 22.64 5.03
CA VAL B 22 12.79 22.17 5.00
C VAL B 22 12.85 20.69 5.37
N LEU B 23 12.34 20.36 6.55
CA LEU B 23 12.33 18.97 7.04
C LEU B 23 11.57 18.07 6.10
N ALA B 24 10.66 18.65 5.34
CA ALA B 24 9.83 17.89 4.41
C ALA B 24 10.50 17.77 3.03
N GLY B 25 11.69 18.33 2.89
CA GLY B 25 12.46 18.19 1.66
C GLY B 25 12.47 19.39 0.74
N ILE B 26 11.65 20.39 1.02
CA ILE B 26 11.65 21.60 0.22
C ILE B 26 12.92 22.37 0.47
N ASP B 27 13.54 22.83 -0.61
CA ASP B 27 14.79 23.58 -0.53
C ASP B 27 14.67 24.83 0.35
N GLU B 28 15.74 25.14 1.08
CA GLU B 28 15.74 26.27 2.01
C GLU B 28 15.24 27.55 1.35
N ALA B 29 15.69 27.78 0.14
CA ALA B 29 15.42 29.03 -0.56
C ALA B 29 13.94 29.32 -0.81
N SER B 30 13.12 28.28 -0.97
CA SER B 30 11.68 28.48 -1.25
C SER B 30 10.72 27.94 -0.15
N ALA B 31 11.27 27.19 0.82
CA ALA B 31 10.45 26.51 1.83
C ALA B 31 9.44 27.41 2.55
N SER B 32 9.81 28.65 2.82
CA SER B 32 8.92 29.57 3.51
C SER B 32 7.74 29.97 2.63
N ALA B 33 8.05 30.40 1.40
CA ALA B 33 7.05 30.79 0.44
C ALA B 33 6.06 29.66 0.20
N ARG B 34 6.58 28.51 -0.17
CA ARG B 34 5.76 27.38 -0.44
C ARG B 34 4.86 27.04 0.72
N MET B 35 5.45 26.76 1.87
CA MET B 35 4.65 26.35 3.01
C MET B 35 3.60 27.39 3.39
N ASN B 36 3.86 28.66 3.14
CA ASN B 36 2.86 29.64 3.41
C ASN B 36 1.74 29.53 2.43
N GLN B 37 2.08 29.37 1.16
CA GLN B 37 1.08 29.28 0.13
C GLN B 37 0.15 28.11 0.38
N TYR B 38 0.69 27.01 0.92
CA TYR B 38 -0.14 25.87 1.24
C TYR B 38 -1.06 26.22 2.34
N GLU B 39 -0.52 26.80 3.39
CA GLU B 39 -1.31 27.08 4.58
C GLU B 39 -2.38 28.17 4.37
N LYS B 40 -2.14 29.08 3.43
CA LYS B 40 -3.13 30.14 3.11
C LYS B 40 -4.08 29.67 2.01
N GLY B 41 -3.76 28.53 1.40
CA GLY B 41 -4.57 27.95 0.35
C GLY B 41 -4.45 28.68 -0.97
N LYS B 42 -3.24 29.16 -1.28
CA LYS B 42 -2.99 29.81 -2.56
C LYS B 42 -2.79 28.76 -3.61
N HIS B 43 -2.11 27.68 -3.21
CA HIS B 43 -1.91 26.53 -4.06
C HIS B 43 -1.92 25.31 -3.17
N ALA B 44 -2.23 24.16 -3.76
CA ALA B 44 -2.20 22.91 -3.00
C ALA B 44 -1.01 22.08 -3.38
N PRO B 45 -0.40 21.40 -2.40
CA PRO B 45 0.70 20.51 -2.69
C PRO B 45 0.18 19.30 -3.39
N ASP B 46 1.02 18.61 -4.16
CA ASP B 46 0.62 17.34 -4.70
C ASP B 46 0.75 16.24 -3.62
N PHE B 47 0.07 15.13 -3.86
CA PHE B 47 0.01 14.07 -2.89
C PHE B 47 1.41 13.67 -2.33
N GLU B 48 2.38 13.47 -3.22
CA GLU B 48 3.71 13.12 -2.75
C GLU B 48 4.17 14.10 -1.64
N MET B 49 4.00 15.41 -1.87
CA MET B 49 4.42 16.43 -0.89
C MET B 49 3.56 16.36 0.39
N ALA B 50 2.29 16.06 0.21
CA ALA B 50 1.40 15.84 1.32
C ALA B 50 1.98 14.74 2.20
N ASN B 51 2.29 13.60 1.58
CA ASN B 51 2.84 12.47 2.31
C ASN B 51 4.09 12.85 3.05
N ARG B 52 4.98 13.60 2.39
CA ARG B 52 6.19 14.07 3.05
C ARG B 52 5.84 14.93 4.27
N LEU B 53 4.98 15.92 4.07
CA LEU B 53 4.56 16.79 5.14
C LEU B 53 3.99 16.01 6.32
N ALA B 54 3.32 14.89 6.03
CA ALA B 54 2.65 14.12 7.10
C ALA B 54 3.63 13.35 7.94
N LYS B 55 4.62 12.77 7.29
CA LYS B 55 5.64 12.03 8.00
C LYS B 55 6.36 12.95 9.02
N VAL B 56 6.63 14.18 8.61
CA VAL B 56 7.30 15.13 9.48
C VAL B 56 6.38 15.52 10.62
N LEU B 57 5.10 15.67 10.32
CA LEU B 57 4.13 16.08 11.34
C LEU B 57 3.68 14.92 12.23
N LYS B 58 4.24 13.74 11.99
CA LYS B 58 3.88 12.51 12.75
C LYS B 58 2.34 12.20 12.74
N ILE B 59 1.71 12.33 11.57
CA ILE B 59 0.24 12.05 11.42
C ILE B 59 -0.02 11.28 10.14
N PRO B 60 -1.22 10.61 10.06
CA PRO B 60 -1.60 9.89 8.81
C PRO B 60 -2.07 10.84 7.71
N VAL B 61 -1.48 10.71 6.55
CA VAL B 61 -1.75 11.62 5.48
C VAL B 61 -3.27 11.89 5.24
N SER B 62 -4.13 10.88 5.43
CA SER B 62 -5.63 11.09 5.32
C SER B 62 -6.10 12.30 6.12
N TYR B 63 -5.46 12.52 7.27
CA TYR B 63 -5.90 13.59 8.15
C TYR B 63 -5.97 14.91 7.39
N LEU B 64 -4.99 15.16 6.54
CA LEU B 64 -4.96 16.39 5.77
C LEU B 64 -6.11 16.48 4.80
N TYR B 65 -6.69 15.34 4.44
CA TYR B 65 -7.73 15.33 3.43
C TYR B 65 -9.13 14.93 3.97
N THR B 66 -9.33 15.09 5.27
CA THR B 66 -10.58 14.68 5.90
C THR B 66 -11.41 15.90 6.41
N PRO B 67 -12.50 16.23 5.73
CA PRO B 67 -13.34 17.38 6.13
C PRO B 67 -14.20 17.14 7.40
N GLU B 68 -14.61 15.90 7.66
CA GLU B 68 -15.42 15.61 8.87
C GLU B 68 -14.59 15.73 10.13
N ASP B 69 -15.00 16.59 11.05
CA ASP B 69 -14.24 16.80 12.27
C ASP B 69 -14.17 15.55 13.14
N ASP B 70 -15.30 14.87 13.31
CA ASP B 70 -15.29 13.65 14.10
C ASP B 70 -14.46 12.48 13.49
N LEU B 71 -14.40 12.38 12.15
CA LEU B 71 -13.56 11.36 11.53
C LEU B 71 -12.08 11.76 11.63
N ALA B 72 -11.79 13.04 11.42
CA ALA B 72 -10.44 13.54 11.61
C ALA B 72 -9.89 13.16 12.99
N GLN B 73 -10.70 13.32 14.03
CA GLN B 73 -10.25 12.98 15.36
C GLN B 73 -9.97 11.51 15.48
N ILE B 74 -10.86 10.68 14.92
CA ILE B 74 -10.67 9.21 14.93
C ILE B 74 -9.33 8.84 14.28
N ILE B 75 -9.06 9.45 13.15
CA ILE B 75 -7.82 9.23 12.46
C ILE B 75 -6.65 9.64 13.34
N LEU B 76 -6.72 10.83 13.86
CA LEU B 76 -5.68 11.33 14.74
C LEU B 76 -5.45 10.40 15.93
N THR B 77 -6.53 9.93 16.52
CA THR B 77 -6.44 9.13 17.68
C THR B 77 -5.95 7.73 17.40
N TRP B 78 -6.40 7.15 16.26
CA TRP B 78 -5.94 5.80 15.84
C TRP B 78 -4.40 5.79 15.67
N ASN B 79 -3.89 6.89 15.16
CA ASN B 79 -2.49 7.08 14.97
C ASN B 79 -1.65 6.84 16.23
N GLU B 80 -2.22 7.15 17.39
CA GLU B 80 -1.50 7.04 18.66
C GLU B 80 -1.54 5.63 19.25
N LEU B 81 -2.17 4.70 18.52
CA LEU B 81 -2.35 3.30 19.00
C LEU B 81 -1.19 2.39 18.67
N ASN B 82 -0.99 1.40 19.52
CA ASN B 82 0.07 0.42 19.30
C ASN B 82 -0.40 -0.74 18.44
N GLU B 83 0.56 -1.51 17.93
CA GLU B 83 0.29 -2.64 17.05
C GLU B 83 -0.87 -3.54 17.58
N GLN B 84 -0.87 -3.80 18.89
CA GLN B 84 -1.90 -4.64 19.51
C GLN B 84 -3.26 -3.91 19.60
N GLU B 85 -3.22 -2.65 20.06
CA GLU B 85 -4.44 -1.83 20.12
C GLU B 85 -5.12 -1.74 18.76
N ARG B 86 -4.31 -1.87 17.69
CA ARG B 86 -4.84 -1.83 16.32
C ARG B 86 -5.39 -3.17 15.87
N LYS B 87 -4.85 -4.26 16.41
CA LYS B 87 -5.42 -5.60 16.16
C LYS B 87 -6.80 -5.68 16.80
N ARG B 88 -6.95 -4.98 17.93
CA ARG B 88 -8.19 -4.97 18.71
C ARG B 88 -9.31 -4.26 17.92
N ILE B 89 -8.94 -3.26 17.13
CA ILE B 89 -9.92 -2.54 16.34
C ILE B 89 -10.17 -3.20 14.97
N ASN B 90 -9.11 -3.73 14.35
CA ASN B 90 -9.23 -4.42 13.04
C ASN B 90 -10.16 -5.64 13.05
N PHE B 91 -10.28 -6.29 14.21
CA PHE B 91 -11.15 -7.49 14.36
C PHE B 91 -12.62 -7.07 14.55
N TYR B 92 -12.81 -6.01 15.36
CA TYR B 92 -14.12 -5.36 15.54
C TYR B 92 -14.71 -5.00 14.16
N ILE B 93 -13.83 -4.63 13.23
CA ILE B 93 -14.22 -4.15 11.92
C ILE B 93 -14.30 -5.27 10.83
N ARG B 94 -13.74 -6.47 11.13
CA ARG B 94 -13.82 -7.59 10.21
C ARG B 94 -15.04 -8.46 10.48
N MET E 1 0.66 -13.85 2.93
CA MET E 1 0.36 -14.31 1.57
C MET E 1 -0.98 -13.84 1.11
N LEU E 2 -1.07 -13.48 -0.17
CA LEU E 2 -2.34 -13.06 -0.75
C LEU E 2 -3.22 -14.28 -1.14
N ILE E 3 -4.36 -14.46 -0.46
CA ILE E 3 -5.21 -15.62 -0.72
C ILE E 3 -5.72 -15.68 -2.14
N ARG E 4 -6.02 -14.54 -2.75
CA ARG E 4 -6.53 -14.54 -4.12
C ARG E 4 -5.47 -14.91 -5.19
N ARG E 5 -4.19 -14.70 -4.88
CA ARG E 5 -3.13 -15.09 -5.79
C ARG E 5 -3.03 -16.57 -5.74
N LEU E 6 -3.11 -17.13 -4.52
CA LEU E 6 -3.03 -18.57 -4.35
C LEU E 6 -4.15 -19.26 -5.08
N LYS E 7 -5.34 -18.70 -4.96
CA LYS E 7 -6.52 -19.31 -5.55
C LYS E 7 -6.46 -19.29 -7.07
N ASP E 8 -6.11 -18.13 -7.63
CA ASP E 8 -6.07 -17.98 -9.06
C ASP E 8 -5.07 -18.94 -9.68
N ALA E 9 -3.90 -19.03 -9.07
CA ALA E 9 -2.86 -19.90 -9.55
C ALA E 9 -3.31 -21.34 -9.50
N ARG E 10 -3.92 -21.73 -8.39
CA ARG E 10 -4.37 -23.08 -8.25
C ARG E 10 -5.39 -23.38 -9.33
N LEU E 11 -6.34 -22.45 -9.51
CA LEU E 11 -7.36 -22.68 -10.51
C LEU E 11 -6.74 -22.83 -11.87
N ARG E 12 -5.87 -21.90 -12.24
CA ARG E 12 -5.20 -21.99 -13.52
C ARG E 12 -4.49 -23.35 -13.69
N ALA E 13 -4.08 -23.94 -12.57
CA ALA E 13 -3.38 -25.24 -12.59
C ALA E 13 -4.35 -26.44 -12.64
N GLY E 14 -5.62 -26.18 -12.32
CA GLY E 14 -6.67 -27.18 -12.48
C GLY E 14 -6.61 -28.33 -11.48
N ILE E 15 -6.11 -28.03 -10.28
CA ILE E 15 -6.05 -29.03 -9.21
C ILE E 15 -6.75 -28.56 -7.92
N SER E 16 -7.20 -29.51 -7.11
CA SER E 16 -7.88 -29.21 -5.85
C SER E 16 -6.92 -28.70 -4.79
N GLN E 17 -7.49 -28.07 -3.76
CA GLN E 17 -6.71 -27.67 -2.61
C GLN E 17 -5.92 -28.86 -2.05
N GLU E 18 -6.57 -30.02 -1.91
CA GLU E 18 -5.88 -31.22 -1.35
C GLU E 18 -4.68 -31.71 -2.20
N LYS E 19 -4.85 -31.76 -3.52
CA LYS E 19 -3.78 -32.24 -4.35
C LYS E 19 -2.58 -31.28 -4.37
N LEU E 20 -2.87 -29.99 -4.35
CA LEU E 20 -1.82 -29.00 -4.32
C LEU E 20 -0.91 -29.23 -3.10
N GLY E 21 -1.53 -29.40 -1.93
CA GLY E 21 -0.81 -29.66 -0.69
C GLY E 21 0.04 -30.93 -0.71
N VAL E 22 -0.54 -32.01 -1.21
CA VAL E 22 0.16 -33.30 -1.23
C VAL E 22 1.39 -33.20 -2.12
N LEU E 23 1.22 -32.62 -3.30
CA LEU E 23 2.29 -32.47 -4.26
C LEU E 23 3.34 -31.56 -3.71
N ALA E 24 2.90 -30.57 -2.94
CA ALA E 24 3.82 -29.66 -2.29
C ALA E 24 4.49 -30.29 -1.05
N GLY E 25 4.22 -31.55 -0.80
CA GLY E 25 4.94 -32.27 0.25
C GLY E 25 4.27 -32.35 1.61
N ILE E 26 3.12 -31.68 1.78
CA ILE E 26 2.34 -31.81 3.02
C ILE E 26 1.76 -33.23 3.14
N ASP E 27 1.91 -33.80 4.33
CA ASP E 27 1.37 -35.12 4.66
C ASP E 27 -0.13 -35.25 4.22
N GLU E 28 -0.53 -36.44 3.77
CA GLU E 28 -1.91 -36.63 3.28
C GLU E 28 -2.97 -36.44 4.37
N ALA E 29 -2.59 -36.74 5.62
CA ALA E 29 -3.50 -36.56 6.75
C ALA E 29 -3.97 -35.10 6.89
N SER E 30 -3.04 -34.14 6.91
CA SER E 30 -3.39 -32.74 7.12
C SER E 30 -3.50 -31.89 5.81
N ALA E 31 -3.12 -32.47 4.68
CA ALA E 31 -3.07 -31.71 3.40
C ALA E 31 -4.31 -30.91 3.10
N SER E 32 -5.48 -31.49 3.35
CA SER E 32 -6.73 -30.82 2.95
C SER E 32 -7.09 -29.69 3.82
N ALA E 33 -7.04 -29.91 5.13
CA ALA E 33 -7.33 -28.82 6.11
C ALA E 33 -6.37 -27.64 5.92
N ARG E 34 -5.12 -27.95 5.74
CA ARG E 34 -4.11 -26.91 5.63
C ARG E 34 -4.33 -26.01 4.43
N MET E 35 -4.42 -26.61 3.25
CA MET E 35 -4.54 -25.83 2.05
C MET E 35 -5.84 -24.99 2.05
N ASN E 36 -6.90 -25.52 2.67
CA ASN E 36 -8.08 -24.71 2.82
C ASN E 36 -7.80 -23.52 3.75
N GLN E 37 -7.15 -23.80 4.87
CA GLN E 37 -6.78 -22.73 5.81
C GLN E 37 -5.96 -21.60 5.10
N TYR E 38 -5.01 -21.99 4.24
CA TYR E 38 -4.18 -21.01 3.55
C TYR E 38 -5.01 -20.24 2.58
N GLU E 39 -5.84 -20.94 1.82
CA GLU E 39 -6.60 -20.32 0.77
C GLU E 39 -7.71 -19.47 1.32
N LYS E 40 -8.12 -19.78 2.53
CA LYS E 40 -9.19 -19.05 3.21
C LYS E 40 -8.66 -17.91 4.09
N GLY E 41 -7.35 -17.80 4.21
CA GLY E 41 -6.76 -16.77 5.03
C GLY E 41 -6.88 -17.05 6.52
N LYS E 42 -7.32 -18.25 6.84
CA LYS E 42 -7.37 -18.66 8.22
C LYS E 42 -5.94 -18.68 8.79
N HIS E 43 -4.99 -19.31 8.06
CA HIS E 43 -3.53 -19.29 8.43
C HIS E 43 -2.63 -19.02 7.23
N ALA E 44 -1.47 -18.44 7.49
CA ALA E 44 -0.46 -18.28 6.43
C ALA E 44 0.58 -19.42 6.52
N PRO E 45 0.99 -19.94 5.36
CA PRO E 45 2.06 -20.93 5.36
C PRO E 45 3.34 -20.23 5.50
N ASP E 46 4.37 -20.91 5.96
CA ASP E 46 5.64 -20.28 6.08
C ASP E 46 6.29 -20.21 4.73
N PHE E 47 7.33 -19.41 4.63
CA PHE E 47 7.89 -19.13 3.36
C PHE E 47 8.37 -20.40 2.61
N GLU E 48 9.03 -21.32 3.34
N GLU E 48 9.05 -21.31 3.30
CA GLU E 48 9.54 -22.56 2.73
CA GLU E 48 9.55 -22.46 2.61
C GLU E 48 8.42 -23.25 1.99
C GLU E 48 8.41 -23.26 1.95
N MET E 49 7.26 -23.34 2.65
CA MET E 49 6.10 -24.00 2.07
C MET E 49 5.60 -23.22 0.83
N ALA E 50 5.45 -21.91 0.99
CA ALA E 50 5.08 -21.04 -0.11
C ALA E 50 5.93 -21.36 -1.38
N ASN E 51 7.21 -21.66 -1.19
CA ASN E 51 8.06 -22.02 -2.31
C ASN E 51 7.66 -23.32 -2.96
N ARG E 52 7.40 -24.32 -2.13
CA ARG E 52 6.98 -25.61 -2.59
C ARG E 52 5.65 -25.51 -3.36
N LEU E 53 4.73 -24.71 -2.84
CA LEU E 53 3.45 -24.49 -3.50
C LEU E 53 3.70 -23.88 -4.88
N ALA E 54 4.47 -22.80 -4.91
CA ALA E 54 4.76 -22.10 -6.14
C ALA E 54 5.40 -22.99 -7.17
N LYS E 55 6.21 -23.92 -6.73
CA LYS E 55 6.86 -24.82 -7.66
C LYS E 55 5.82 -25.70 -8.33
N VAL E 56 4.88 -26.25 -7.53
CA VAL E 56 3.80 -27.09 -8.05
C VAL E 56 2.96 -26.29 -9.01
N LEU E 57 2.71 -25.04 -8.65
CA LEU E 57 1.84 -24.15 -9.43
C LEU E 57 2.53 -23.57 -10.67
N LYS E 58 3.85 -23.75 -10.75
CA LYS E 58 4.64 -23.25 -11.88
C LYS E 58 4.59 -21.74 -12.02
N ILE E 59 4.62 -21.07 -10.87
CA ILE E 59 4.68 -19.60 -10.80
C ILE E 59 5.89 -19.21 -9.97
N PRO E 60 6.31 -17.95 -10.06
CA PRO E 60 7.38 -17.54 -9.17
C PRO E 60 6.81 -17.25 -7.82
N VAL E 61 7.47 -17.71 -6.76
CA VAL E 61 6.92 -17.60 -5.40
C VAL E 61 6.43 -16.22 -5.03
N SER E 62 7.15 -15.18 -5.48
CA SER E 62 6.82 -13.79 -5.08
C SER E 62 5.50 -13.29 -5.64
N TYR E 63 4.96 -14.02 -6.63
CA TYR E 63 3.66 -13.69 -7.19
C TYR E 63 2.66 -13.80 -6.08
N LEU E 64 2.84 -14.82 -5.23
CA LEU E 64 1.95 -15.02 -4.09
C LEU E 64 1.95 -13.84 -3.10
N TYR E 65 3.03 -13.04 -3.11
CA TYR E 65 3.16 -11.94 -2.18
C TYR E 65 3.13 -10.60 -2.87
N THR E 66 2.62 -10.56 -4.10
CA THR E 66 2.53 -9.28 -4.84
C THR E 66 1.14 -8.73 -4.87
N PRO E 67 0.91 -7.61 -4.14
CA PRO E 67 -0.44 -7.06 -4.12
C PRO E 67 -0.77 -6.26 -5.37
N GLU E 68 0.22 -5.61 -5.97
CA GLU E 68 -0.03 -4.79 -7.17
C GLU E 68 -0.35 -5.65 -8.39
N ASP E 69 -1.59 -5.55 -8.89
CA ASP E 69 -2.05 -6.36 -10.01
C ASP E 69 -1.20 -6.20 -11.27
N ASP E 70 -0.89 -4.96 -11.63
CA ASP E 70 -0.07 -4.75 -12.81
C ASP E 70 1.30 -5.46 -12.69
N LEU E 71 1.88 -5.45 -11.48
CA LEU E 71 3.19 -6.06 -11.26
C LEU E 71 3.12 -7.57 -11.20
N ALA E 72 2.02 -8.10 -10.67
CA ALA E 72 1.83 -9.56 -10.61
C ALA E 72 1.80 -10.15 -12.01
N GLN E 73 1.14 -9.45 -12.92
CA GLN E 73 1.09 -9.89 -14.29
C GLN E 73 2.48 -9.97 -14.83
N ILE E 74 3.22 -8.87 -14.72
CA ILE E 74 4.61 -8.84 -15.17
C ILE E 74 5.38 -10.08 -14.69
N ILE E 75 5.26 -10.39 -13.38
CA ILE E 75 5.94 -11.56 -12.80
C ILE E 75 5.48 -12.83 -13.43
N LEU E 76 4.18 -12.96 -13.61
CA LEU E 76 3.61 -14.18 -14.17
C LEU E 76 4.16 -14.43 -15.59
N THR E 77 4.34 -13.34 -16.35
CA THR E 77 4.82 -13.38 -17.69
C THR E 77 6.35 -13.48 -17.76
N TRP E 78 7.04 -12.81 -16.86
CA TRP E 78 8.49 -12.89 -16.87
C TRP E 78 8.90 -14.34 -16.75
N ASN E 79 8.02 -15.11 -16.16
CA ASN E 79 8.27 -16.51 -15.90
C ASN E 79 8.37 -17.36 -17.17
N GLU E 80 7.74 -16.92 -18.24
CA GLU E 80 7.64 -17.75 -19.40
C GLU E 80 8.39 -17.23 -20.61
N LEU E 81 9.27 -16.25 -20.39
CA LEU E 81 10.04 -15.67 -21.47
C LEU E 81 11.20 -16.58 -21.82
N ASN E 82 11.54 -16.64 -23.09
CA ASN E 82 12.66 -17.46 -23.51
C ASN E 82 14.02 -16.75 -23.27
N GLU E 83 15.11 -17.42 -23.63
CA GLU E 83 16.46 -16.91 -23.39
C GLU E 83 16.65 -15.47 -23.90
N GLN E 84 16.23 -15.23 -25.14
CA GLN E 84 16.37 -13.91 -25.76
C GLN E 84 15.54 -12.86 -25.03
N GLU E 85 14.24 -13.14 -24.87
CA GLU E 85 13.32 -12.19 -24.27
C GLU E 85 13.81 -11.70 -22.91
N ARG E 86 14.40 -12.63 -22.13
CA ARG E 86 14.96 -12.26 -20.83
C ARG E 86 16.22 -11.43 -20.96
N LYS E 87 17.14 -11.87 -21.81
CA LYS E 87 18.33 -11.10 -22.06
C LYS E 87 17.95 -9.69 -22.42
N ARG E 88 16.85 -9.53 -23.14
CA ARG E 88 16.41 -8.22 -23.58
C ARG E 88 15.96 -7.35 -22.41
N ILE E 89 15.08 -7.89 -21.57
CA ILE E 89 14.56 -7.14 -20.44
C ILE E 89 15.65 -6.80 -19.38
N ASN E 90 16.50 -7.77 -19.06
CA ASN E 90 17.56 -7.54 -18.11
C ASN E 90 18.39 -6.37 -18.53
N PHE E 91 18.68 -6.31 -19.82
CA PHE E 91 19.46 -5.25 -20.38
C PHE E 91 18.78 -3.89 -20.18
N TYR E 92 17.46 -3.82 -20.49
CA TYR E 92 16.70 -2.56 -20.31
C TYR E 92 16.72 -2.14 -18.84
N ILE E 93 16.61 -3.11 -17.96
CA ILE E 93 16.60 -2.87 -16.56
C ILE E 93 17.98 -2.44 -16.02
N ARG E 94 19.03 -3.17 -16.41
CA ARG E 94 20.39 -2.86 -15.95
C ARG E 94 20.85 -1.46 -16.41
N LYS E 95 20.22 -0.95 -17.47
CA LYS E 95 20.49 0.41 -18.00
C LYS E 95 20.06 1.51 -16.99
N LYS E 96 19.07 1.19 -16.16
CA LYS E 96 18.67 2.11 -15.09
C LYS E 96 19.51 1.90 -13.81
N ALA E 97 20.73 1.35 -13.98
CA ALA E 97 21.71 1.09 -12.88
C ALA E 97 21.10 1.11 -11.48
N MET F 1 10.21 -14.91 4.75
CA MET F 1 10.75 -13.67 4.12
C MET F 1 12.29 -13.78 3.98
N LEU F 2 12.88 -13.13 2.97
CA LEU F 2 14.34 -13.28 2.71
C LEU F 2 15.19 -12.27 3.45
N ILE F 3 15.86 -12.71 4.49
CA ILE F 3 16.67 -11.83 5.25
C ILE F 3 17.62 -10.97 4.39
N ARG F 4 18.31 -11.58 3.44
CA ARG F 4 19.25 -10.81 2.64
C ARG F 4 18.58 -9.65 1.85
N ARG F 5 17.29 -9.79 1.56
CA ARG F 5 16.59 -8.75 0.83
C ARG F 5 16.24 -7.59 1.74
N LEU F 6 15.87 -7.90 2.99
CA LEU F 6 15.56 -6.88 4.00
C LEU F 6 16.81 -6.09 4.38
N LYS F 7 17.92 -6.80 4.55
CA LYS F 7 19.11 -6.16 4.88
C LYS F 7 19.49 -5.20 3.78
N ASP F 8 19.42 -5.68 2.53
CA ASP F 8 19.84 -4.87 1.40
C ASP F 8 18.98 -3.62 1.28
N ALA F 9 17.67 -3.79 1.41
CA ALA F 9 16.76 -2.65 1.35
C ALA F 9 17.01 -1.66 2.48
N ARG F 10 17.31 -2.19 3.66
CA ARG F 10 17.55 -1.34 4.79
C ARG F 10 18.83 -0.52 4.64
N LEU F 11 19.90 -1.13 4.16
CA LEU F 11 21.17 -0.39 4.06
C LEU F 11 21.09 0.71 3.03
N ARG F 12 20.32 0.49 1.96
CA ARG F 12 20.13 1.52 0.92
C ARG F 12 19.29 2.66 1.47
N ALA F 13 18.33 2.33 2.35
CA ALA F 13 17.48 3.31 2.98
C ALA F 13 18.27 4.12 3.99
N GLY F 14 19.42 3.56 4.41
CA GLY F 14 20.36 4.25 5.33
C GLY F 14 19.81 4.46 6.71
N ILE F 15 19.02 3.51 7.19
CA ILE F 15 18.49 3.59 8.52
C ILE F 15 18.82 2.34 9.35
N SER F 16 18.71 2.47 10.66
CA SER F 16 19.05 1.41 11.59
C SER F 16 17.98 0.39 11.66
N GLN F 17 18.30 -0.78 12.16
CA GLN F 17 17.31 -1.78 12.41
C GLN F 17 16.23 -1.18 13.31
N GLU F 18 16.64 -0.42 14.33
CA GLU F 18 15.68 0.14 15.27
C GLU F 18 14.74 1.19 14.67
N LYS F 19 15.29 2.22 14.02
CA LYS F 19 14.44 3.24 13.43
C LYS F 19 13.44 2.60 12.47
N LEU F 20 13.92 1.61 11.70
CA LEU F 20 13.08 0.90 10.75
C LEU F 20 11.82 0.35 11.45
N GLY F 21 12.01 -0.34 12.57
CA GLY F 21 10.89 -0.88 13.33
C GLY F 21 9.98 0.22 13.89
N VAL F 22 10.57 1.25 14.46
CA VAL F 22 9.80 2.34 14.99
C VAL F 22 8.93 2.91 13.91
N LEU F 23 9.55 3.35 12.83
CA LEU F 23 8.83 3.91 11.65
C LEU F 23 7.81 2.92 11.10
N ALA F 24 8.11 1.64 11.24
CA ALA F 24 7.24 0.60 10.73
C ALA F 24 6.14 0.24 11.71
N GLY F 25 6.12 0.89 12.86
CA GLY F 25 5.03 0.69 13.82
C GLY F 25 5.33 -0.19 15.05
N ILE F 26 6.55 -0.72 15.14
CA ILE F 26 6.94 -1.53 16.31
C ILE F 26 7.26 -0.63 17.49
N ASP F 27 6.71 -0.97 18.64
CA ASP F 27 6.88 -0.15 19.82
C ASP F 27 8.35 0.13 20.13
N GLU F 28 8.64 1.39 20.47
CA GLU F 28 10.00 1.85 20.81
C GLU F 28 10.81 0.78 21.56
N ALA F 29 10.18 0.15 22.54
CA ALA F 29 10.84 -0.82 23.44
C ALA F 29 11.38 -2.07 22.76
N SER F 30 10.58 -2.70 21.91
CA SER F 30 11.00 -3.96 21.29
C SER F 30 11.51 -3.82 19.85
N ALA F 31 11.45 -2.62 19.30
CA ALA F 31 11.83 -2.40 17.89
C ALA F 31 13.21 -2.91 17.56
N SER F 32 14.17 -2.70 18.45
CA SER F 32 15.50 -3.17 18.19
C SER F 32 15.55 -4.67 18.14
N ALA F 33 15.01 -5.31 19.17
CA ALA F 33 15.04 -6.78 19.24
C ALA F 33 14.35 -7.45 18.03
N ARG F 34 13.15 -6.98 17.70
CA ARG F 34 12.41 -7.59 16.65
C ARG F 34 13.10 -7.50 15.31
N MET F 35 13.50 -6.28 14.94
CA MET F 35 14.11 -6.04 13.65
C MET F 35 15.40 -6.82 13.50
N ASN F 36 16.09 -7.09 14.60
CA ASN F 36 17.30 -7.83 14.51
C ASN F 36 16.98 -9.25 14.24
N GLN F 37 16.00 -9.75 14.96
CA GLN F 37 15.58 -11.11 14.82
C GLN F 37 15.15 -11.40 13.38
N TYR F 38 14.40 -10.47 12.79
CA TYR F 38 14.00 -10.60 11.41
C TYR F 38 15.22 -10.64 10.51
N GLU F 39 16.13 -9.71 10.70
CA GLU F 39 17.26 -9.57 9.79
C GLU F 39 18.27 -10.72 9.93
N LYS F 40 18.31 -11.32 11.11
CA LYS F 40 19.17 -12.48 11.33
C LYS F 40 18.42 -13.78 11.04
N GLY F 41 17.15 -13.65 10.69
CA GLY F 41 16.32 -14.81 10.34
C GLY F 41 16.01 -15.70 11.51
N LYS F 42 15.86 -15.11 12.67
CA LYS F 42 15.51 -15.87 13.87
C LYS F 42 14.00 -16.13 13.89
N HIS F 43 13.21 -15.13 13.50
CA HIS F 43 11.78 -15.28 13.33
C HIS F 43 11.39 -14.50 12.12
N ALA F 44 10.21 -14.77 11.58
CA ALA F 44 9.76 -14.10 10.39
C ALA F 44 8.57 -13.16 10.68
N PRO F 45 8.54 -12.00 10.04
CA PRO F 45 7.40 -11.10 10.21
C PRO F 45 6.21 -11.64 9.47
N ASP F 46 4.99 -11.37 9.95
CA ASP F 46 3.80 -11.72 9.18
C ASP F 46 3.64 -10.76 7.98
N PHE F 47 2.84 -11.17 7.01
CA PHE F 47 2.72 -10.40 5.83
C PHE F 47 2.38 -8.93 6.15
N GLU F 48 1.38 -8.71 7.02
CA GLU F 48 0.97 -7.37 7.37
C GLU F 48 2.20 -6.52 7.76
N MET F 49 3.12 -7.11 8.52
CA MET F 49 4.29 -6.40 8.99
C MET F 49 5.26 -6.12 7.84
N ALA F 50 5.53 -7.15 7.02
CA ALA F 50 6.35 -7.03 5.81
C ALA F 50 5.92 -5.82 4.99
N ASN F 51 4.61 -5.74 4.75
CA ASN F 51 4.05 -4.61 4.06
C ASN F 51 4.44 -3.30 4.70
N ARG F 52 4.32 -3.22 6.03
CA ARG F 52 4.66 -1.99 6.70
C ARG F 52 6.14 -1.67 6.48
N LEU F 53 6.98 -2.67 6.70
CA LEU F 53 8.40 -2.54 6.48
C LEU F 53 8.73 -2.07 5.04
N ALA F 54 8.06 -2.64 4.06
CA ALA F 54 8.31 -2.25 2.68
C ALA F 54 7.96 -0.76 2.42
N LYS F 55 6.87 -0.30 3.03
CA LYS F 55 6.44 1.05 2.83
C LYS F 55 7.52 2.01 3.33
N VAL F 56 8.10 1.70 4.50
CA VAL F 56 9.13 2.56 5.08
C VAL F 56 10.41 2.54 4.24
N LEU F 57 10.65 1.40 3.60
CA LEU F 57 11.86 1.20 2.84
C LEU F 57 11.70 1.67 1.37
N LYS F 58 10.52 2.17 1.04
CA LYS F 58 10.22 2.61 -0.33
C LYS F 58 10.42 1.47 -1.39
N ILE F 59 9.97 0.25 -1.04
CA ILE F 59 10.07 -0.93 -1.96
C ILE F 59 8.77 -1.74 -2.02
N PRO F 60 8.54 -2.47 -3.13
CA PRO F 60 7.35 -3.35 -3.26
C PRO F 60 7.47 -4.57 -2.36
N VAL F 61 6.46 -4.79 -1.52
CA VAL F 61 6.50 -5.84 -0.51
C VAL F 61 7.04 -7.15 -1.07
N SER F 62 6.73 -7.46 -2.34
CA SER F 62 7.21 -8.72 -2.96
C SER F 62 8.75 -8.79 -3.26
N TYR F 63 9.42 -7.66 -3.26
CA TYR F 63 10.87 -7.71 -3.31
C TYR F 63 11.36 -8.58 -2.14
N LEU F 64 10.77 -8.38 -0.97
CA LEU F 64 11.17 -9.14 0.23
C LEU F 64 11.01 -10.65 0.09
N TYR F 65 10.16 -11.07 -0.86
CA TYR F 65 9.84 -12.47 -1.00
C TYR F 65 10.27 -13.06 -2.35
N THR F 66 11.29 -12.48 -2.97
CA THR F 66 11.74 -12.93 -4.29
C THR F 66 13.17 -13.54 -4.29
N PRO F 67 13.25 -14.86 -4.36
CA PRO F 67 14.51 -15.60 -4.39
C PRO F 67 15.41 -15.23 -5.54
N GLU F 68 14.83 -15.04 -6.73
CA GLU F 68 15.61 -14.84 -7.98
C GLU F 68 16.21 -13.45 -8.08
N ASP F 69 17.53 -13.38 -8.10
CA ASP F 69 18.24 -12.12 -8.15
C ASP F 69 17.84 -11.24 -9.33
N ASP F 70 17.77 -11.82 -10.53
CA ASP F 70 17.37 -11.03 -11.69
C ASP F 70 15.89 -10.50 -11.67
N LEU F 71 14.96 -11.23 -11.03
CA LEU F 71 13.59 -10.76 -10.92
C LEU F 71 13.44 -9.74 -9.79
N ALA F 72 14.24 -9.89 -8.75
CA ALA F 72 14.27 -8.91 -7.68
C ALA F 72 14.62 -7.56 -8.28
N GLN F 73 15.63 -7.55 -9.15
CA GLN F 73 16.05 -6.32 -9.73
C GLN F 73 14.94 -5.71 -10.54
N ILE F 74 14.23 -6.52 -11.31
CA ILE F 74 13.12 -6.01 -12.12
C ILE F 74 12.05 -5.35 -11.26
N ILE F 75 11.72 -5.98 -10.14
CA ILE F 75 10.71 -5.45 -9.22
C ILE F 75 11.19 -4.13 -8.61
N LEU F 76 12.42 -4.13 -8.15
CA LEU F 76 13.01 -2.95 -7.58
C LEU F 76 12.99 -1.79 -8.58
N THR F 77 13.36 -2.06 -9.82
CA THR F 77 13.44 -1.03 -10.80
C THR F 77 12.04 -0.62 -11.29
N TRP F 78 11.15 -1.59 -11.41
CA TRP F 78 9.79 -1.30 -11.86
C TRP F 78 9.17 -0.27 -10.93
N ASN F 79 9.63 -0.27 -9.70
CA ASN F 79 9.13 0.59 -8.64
C ASN F 79 9.44 2.08 -8.88
N GLU F 80 10.58 2.35 -9.51
CA GLU F 80 11.03 3.75 -9.71
C GLU F 80 10.75 4.25 -11.12
N LEU F 81 9.83 3.59 -11.80
CA LEU F 81 9.44 3.99 -13.13
C LEU F 81 8.10 4.71 -13.10
N ASN F 82 7.97 5.76 -13.91
CA ASN F 82 6.68 6.39 -14.15
C ASN F 82 5.92 5.52 -15.14
N GLU F 83 4.60 5.55 -15.14
CA GLU F 83 3.86 4.68 -16.07
C GLU F 83 4.18 5.05 -17.54
N GLN F 84 4.94 6.13 -17.72
CA GLN F 84 5.42 6.50 -19.04
C GLN F 84 6.65 5.65 -19.41
N GLU F 85 7.18 4.94 -18.39
CA GLU F 85 8.34 4.04 -18.58
C GLU F 85 7.93 2.59 -18.35
N ARG F 86 6.88 2.39 -17.57
CA ARG F 86 6.34 1.05 -17.34
C ARG F 86 5.72 0.52 -18.62
N LYS F 87 5.04 1.41 -19.35
CA LYS F 87 4.39 1.03 -20.61
C LYS F 87 5.35 0.30 -21.56
N ARG F 88 6.56 0.85 -21.71
CA ARG F 88 7.57 0.21 -22.55
C ARG F 88 7.94 -1.18 -22.01
N ILE F 89 8.03 -1.29 -20.67
CA ILE F 89 8.30 -2.59 -20.02
C ILE F 89 7.25 -3.62 -20.39
N ASN F 90 6.01 -3.16 -20.55
CA ASN F 90 4.89 -4.04 -20.91
C ASN F 90 4.94 -4.40 -22.39
N PHE F 91 5.73 -3.66 -23.16
CA PHE F 91 5.93 -3.95 -24.58
C PHE F 91 6.92 -5.11 -24.72
N TYR F 92 8.01 -5.06 -23.95
CA TYR F 92 9.00 -6.15 -23.95
C TYR F 92 8.37 -7.46 -23.43
N ILE F 93 7.22 -7.33 -22.75
CA ILE F 93 6.48 -8.49 -22.21
C ILE F 93 5.23 -8.82 -23.08
#